data_6GMF
#
_entry.id   6GMF
#
_cell.length_a   44.690
_cell.length_b   55.020
_cell.length_c   74.800
_cell.angle_alpha   90.00
_cell.angle_beta   91.67
_cell.angle_gamma   90.00
#
_symmetry.space_group_name_H-M   'P 1 21 1'
#
loop_
_entity.id
_entity.type
_entity.pdbx_description
1 polymer 'Putative cytochrome P450 hydroxylase'
2 non-polymer 'PROTOPORPHYRIN IX CONTAINING FE'
3 water water
#
_entity_poly.entity_id   1
_entity_poly.type   'polypeptide(L)'
_entity_poly.pdbx_seq_one_letter_code
;MIADIDITAPEVLRNPYALFAELRRTSAVGRLQPQGFMAVGRYQDVARVLHDAKGFSNRGWAASLPRGVKWDTSMPPSIV
QVDPPRHGKLRTLVTKAFTPRTVAQLEPRIRDIAHELVDGLRGKSTFEATVEVTVPMPMIVIAEMLGVAPERRADFKRWS
DDMVGSLALVRVGNAAQLERSTQEFYAYFSEVLEERRREPREDLISQLLAAEVDGEKLTAGEVLSFANTLLIAGNETTTS
LIGNALVALTDHPEQLAAAQADLSLVPAVVEEVLRYESPAQCIFRQTMTDVEIGDERIPARSVVLPLLASANRDESRFPD
PDRFDIHRDTKGHLAFGLDIHFCIGAPLARLEAKVMLEVLLARLGDIQRVSQEVSWSPSFFIRSPSTLPLRATVASA
;
_entity_poly.pdbx_strand_id   A
#
# COMPACT_ATOMS: atom_id res chain seq x y z
N MET A 1 21.26 -5.49 19.20
CA MET A 1 21.95 -6.23 18.11
C MET A 1 21.00 -6.40 16.91
N ILE A 2 21.57 -6.86 15.81
CA ILE A 2 20.85 -7.29 14.61
C ILE A 2 20.03 -8.55 14.92
N ALA A 3 20.39 -9.25 16.00
CA ALA A 3 19.67 -10.42 16.43
C ALA A 3 18.63 -10.05 17.50
N ASP A 4 18.45 -8.74 17.77
CA ASP A 4 17.63 -8.25 18.88
C ASP A 4 16.97 -6.92 18.47
N ILE A 5 16.43 -6.90 17.25
CA ILE A 5 15.86 -5.70 16.66
C ILE A 5 14.55 -5.37 17.36
N ASP A 6 14.44 -4.11 17.80
CA ASP A 6 13.27 -3.60 18.42
C ASP A 6 12.55 -2.62 17.50
N ILE A 7 11.45 -3.08 16.86
CA ILE A 7 10.73 -2.22 15.93
C ILE A 7 9.93 -1.14 16.68
N THR A 8 9.77 -1.25 18.02
CA THR A 8 9.10 -0.18 18.78
C THR A 8 10.05 0.99 19.09
N ALA A 9 11.35 0.85 18.82
CA ALA A 9 12.34 1.86 19.14
C ALA A 9 12.03 3.16 18.40
N PRO A 10 12.09 4.34 19.06
CA PRO A 10 11.59 5.55 18.43
C PRO A 10 12.48 5.89 17.22
N GLU A 11 13.77 5.57 17.31
CA GLU A 11 14.70 5.82 16.27
C GLU A 11 14.35 4.97 15.05
N VAL A 12 13.81 3.77 15.28
CA VAL A 12 13.48 2.88 14.13
C VAL A 12 12.23 3.42 13.41
N LEU A 13 11.27 3.93 14.16
CA LEU A 13 10.06 4.48 13.60
C LEU A 13 10.39 5.79 12.88
N ARG A 14 11.37 6.53 13.41
CA ARG A 14 11.75 7.79 12.85
C ARG A 14 12.53 7.60 11.55
N ASN A 15 13.50 6.68 11.57
CA ASN A 15 14.34 6.46 10.46
C ASN A 15 14.76 5.01 10.43
N PRO A 16 13.93 4.13 9.83
CA PRO A 16 14.23 2.71 9.77
C PRO A 16 15.44 2.39 8.88
N TYR A 17 15.84 3.32 8.01
CA TYR A 17 16.87 3.08 7.05
C TYR A 17 18.26 2.96 7.69
N ALA A 18 18.38 3.51 8.91
CA ALA A 18 19.63 3.36 9.65
C ALA A 18 19.80 1.90 10.12
N LEU A 19 18.73 1.35 10.72
CA LEU A 19 18.67 -0.05 11.05
C LEU A 19 18.93 -0.89 9.79
N PHE A 20 18.24 -0.57 8.67
CA PHE A 20 18.32 -1.42 7.50
C PHE A 20 19.77 -1.48 6.99
N ALA A 21 20.45 -0.33 6.95
CA ALA A 21 21.79 -0.29 6.47
C ALA A 21 22.71 -1.10 7.38
N GLU A 22 22.48 -1.02 8.69
CA GLU A 22 23.30 -1.75 9.63
C GLU A 22 23.08 -3.25 9.42
N LEU A 23 21.82 -3.65 9.21
CA LEU A 23 21.48 -5.05 8.98
C LEU A 23 22.17 -5.54 7.70
N ARG A 24 22.02 -4.81 6.59
CA ARG A 24 22.60 -5.23 5.36
C ARG A 24 24.12 -5.43 5.52
N ARG A 25 24.77 -4.54 6.29
CA ARG A 25 26.24 -4.55 6.49
C ARG A 25 26.65 -5.78 7.30
N THR A 26 25.78 -6.23 8.19
CA THR A 26 26.08 -7.21 9.25
C THR A 26 25.73 -8.65 8.86
N SER A 27 24.52 -8.86 8.34
CA SER A 27 24.02 -10.22 8.15
C SER A 27 22.89 -10.24 7.11
N ALA A 28 22.81 -11.37 6.40
CA ALA A 28 21.73 -11.66 5.46
C ALA A 28 20.38 -11.71 6.20
N VAL A 29 20.41 -12.11 7.46
CA VAL A 29 19.22 -12.29 8.26
C VAL A 29 19.37 -11.59 9.62
N GLY A 30 18.31 -10.89 10.03
CA GLY A 30 18.12 -10.28 11.33
C GLY A 30 16.91 -10.87 12.03
N ARG A 31 16.80 -10.61 13.34
CA ARG A 31 15.74 -11.20 14.17
C ARG A 31 15.09 -10.06 14.93
N LEU A 32 13.74 -9.96 14.84
CA LEU A 32 12.96 -9.03 15.62
C LEU A 32 12.69 -9.67 16.98
N GLN A 33 12.82 -8.86 18.03
CA GLN A 33 12.46 -9.26 19.38
C GLN A 33 11.37 -8.31 19.90
N PRO A 34 10.31 -8.79 20.58
CA PRO A 34 10.14 -10.20 20.95
C PRO A 34 9.34 -11.11 19.99
N GLN A 35 8.96 -10.57 18.82
CA GLN A 35 8.14 -11.28 17.84
C GLN A 35 8.85 -12.54 17.34
N GLY A 36 10.18 -12.48 17.23
CA GLY A 36 10.99 -13.59 16.78
C GLY A 36 10.96 -13.74 15.27
N PHE A 37 10.53 -12.68 14.57
CA PHE A 37 10.40 -12.76 13.13
C PHE A 37 11.79 -12.54 12.52
N MET A 38 12.06 -13.22 11.42
CA MET A 38 13.34 -13.09 10.78
C MET A 38 13.22 -12.03 9.67
N ALA A 39 14.17 -11.12 9.59
CA ALA A 39 14.12 -10.03 8.60
C ALA A 39 15.25 -10.20 7.59
N VAL A 40 14.94 -9.98 6.30
CA VAL A 40 15.91 -10.11 5.24
C VAL A 40 16.03 -8.76 4.56
N GLY A 41 17.25 -8.21 4.52
CA GLY A 41 17.47 -6.80 4.12
C GLY A 41 18.14 -6.57 2.79
N ARG A 42 18.96 -7.50 2.29
CA ARG A 42 19.71 -7.24 1.03
C ARG A 42 18.80 -7.47 -0.17
N TYR A 43 18.92 -6.60 -1.19
CA TYR A 43 18.14 -6.66 -2.41
C TYR A 43 18.11 -8.07 -3.04
N GLN A 44 19.28 -8.69 -3.25
CA GLN A 44 19.30 -9.99 -3.95
C GLN A 44 18.59 -11.07 -3.12
N ASP A 45 18.70 -10.93 -1.80
CA ASP A 45 18.12 -11.91 -0.91
C ASP A 45 16.61 -11.72 -0.84
N VAL A 46 16.15 -10.46 -0.71
CA VAL A 46 14.72 -10.19 -0.72
C VAL A 46 14.11 -10.74 -2.02
N ALA A 47 14.76 -10.52 -3.16
CA ALA A 47 14.22 -11.00 -4.44
C ALA A 47 14.16 -12.54 -4.42
N ARG A 48 15.20 -13.19 -3.87
CA ARG A 48 15.25 -14.62 -3.85
C ARG A 48 14.11 -15.15 -2.99
N VAL A 49 13.87 -14.49 -1.85
CA VAL A 49 12.75 -14.91 -1.01
C VAL A 49 11.41 -14.78 -1.77
N LEU A 50 11.15 -13.66 -2.40
CA LEU A 50 9.84 -13.44 -3.03
C LEU A 50 9.63 -14.40 -4.21
N HIS A 51 10.72 -14.77 -4.87
CA HIS A 51 10.61 -15.72 -5.99
C HIS A 51 10.47 -17.16 -5.49
N ASP A 52 10.78 -17.44 -4.24
CA ASP A 52 10.74 -18.79 -3.70
C ASP A 52 9.43 -19.03 -2.95
N ALA A 53 8.32 -19.15 -3.69
CA ALA A 53 7.02 -19.32 -3.07
C ALA A 53 6.92 -20.70 -2.42
N LYS A 54 7.63 -21.67 -2.98
CA LYS A 54 7.59 -23.04 -2.41
C LYS A 54 8.30 -23.07 -1.05
N GLY A 55 9.37 -22.29 -0.90
CA GLY A 55 10.08 -22.28 0.38
C GLY A 55 9.57 -21.25 1.38
N PHE A 56 9.01 -20.14 0.85
CA PHE A 56 8.52 -19.02 1.66
C PHE A 56 7.05 -18.77 1.35
N SER A 57 6.19 -19.38 2.18
CA SER A 57 4.76 -19.36 2.01
C SER A 57 4.13 -18.00 2.38
N ASN A 58 3.06 -17.65 1.68
CA ASN A 58 2.28 -16.43 2.00
C ASN A 58 1.36 -16.67 3.22
N ARG A 59 1.30 -17.91 3.72
CA ARG A 59 0.51 -18.11 4.96
C ARG A 59 1.10 -17.32 6.12
N GLY A 60 2.36 -16.88 5.99
CA GLY A 60 2.99 -15.97 6.92
C GLY A 60 2.17 -14.72 7.22
N TRP A 61 1.34 -14.27 6.27
CA TRP A 61 0.48 -13.10 6.46
C TRP A 61 -0.45 -13.32 7.65
N ALA A 62 -0.73 -14.57 8.01
CA ALA A 62 -1.57 -14.80 9.21
C ALA A 62 -0.97 -14.13 10.46
N ALA A 63 0.36 -14.01 10.52
CA ALA A 63 1.11 -13.41 11.65
C ALA A 63 0.85 -11.91 11.79
N SER A 64 0.34 -11.26 10.73
CA SER A 64 0.10 -9.83 10.73
C SER A 64 -1.28 -9.49 11.30
N LEU A 65 -2.14 -10.50 11.48
CA LEU A 65 -3.55 -10.23 11.74
C LEU A 65 -3.70 -9.82 13.19
N PRO A 66 -4.67 -8.93 13.52
CA PRO A 66 -4.84 -8.49 14.91
C PRO A 66 -5.36 -9.69 15.72
N ARG A 67 -4.73 -9.95 16.88
CA ARG A 67 -5.24 -10.90 17.86
C ARG A 67 -6.44 -10.27 18.58
N GLY A 68 -7.20 -11.12 19.30
CA GLY A 68 -8.39 -10.68 20.06
C GLY A 68 -9.56 -10.28 19.16
N VAL A 69 -9.60 -10.78 17.92
CA VAL A 69 -10.64 -10.43 16.93
C VAL A 69 -11.22 -11.73 16.36
N LYS A 70 -12.55 -11.88 16.41
CA LYS A 70 -13.25 -13.07 15.90
C LYS A 70 -13.46 -12.92 14.39
N TRP A 71 -12.91 -13.87 13.62
CA TRP A 71 -13.07 -13.91 12.17
C TRP A 71 -14.18 -14.88 11.78
N ASP A 72 -15.15 -14.37 11.01
CA ASP A 72 -16.16 -15.17 10.35
C ASP A 72 -15.45 -16.25 9.52
N THR A 73 -15.41 -17.48 10.05
CA THR A 73 -14.64 -18.55 9.43
C THR A 73 -15.30 -19.04 8.13
N SER A 74 -16.47 -18.51 7.75
CA SER A 74 -17.10 -18.80 6.44
C SER A 74 -16.52 -17.91 5.34
N MET A 75 -15.80 -16.87 5.75
CA MET A 75 -15.06 -15.98 4.86
C MET A 75 -13.75 -16.66 4.49
N PRO A 76 -13.47 -16.89 3.20
CA PRO A 76 -12.19 -17.42 2.78
C PRO A 76 -11.12 -16.37 3.05
N PRO A 77 -9.83 -16.77 3.13
CA PRO A 77 -8.75 -15.82 3.40
C PRO A 77 -8.57 -14.87 2.22
N SER A 78 -7.88 -13.75 2.48
CA SER A 78 -7.39 -12.86 1.45
C SER A 78 -6.53 -13.66 0.45
N ILE A 79 -6.65 -13.31 -0.82
CA ILE A 79 -5.77 -13.78 -1.85
C ILE A 79 -4.29 -13.67 -1.43
N VAL A 80 -3.91 -12.72 -0.55
CA VAL A 80 -2.53 -12.52 -0.25
C VAL A 80 -2.03 -13.61 0.70
N GLN A 81 -2.95 -14.36 1.31
CA GLN A 81 -2.61 -15.46 2.19
C GLN A 81 -2.56 -16.81 1.46
N VAL A 82 -2.86 -16.85 0.16
CA VAL A 82 -3.02 -18.11 -0.50
C VAL A 82 -1.74 -18.45 -1.27
N ASP A 83 -1.43 -19.74 -1.30
CA ASP A 83 -0.28 -20.25 -2.03
C ASP A 83 -0.71 -21.03 -3.27
N PRO A 84 0.21 -21.26 -4.23
CA PRO A 84 -0.07 -22.16 -5.36
C PRO A 84 -0.47 -23.52 -4.76
N PRO A 85 -1.36 -24.25 -5.45
CA PRO A 85 -1.90 -23.93 -6.77
C PRO A 85 -3.20 -23.10 -6.71
N ARG A 86 -3.78 -23.02 -5.51
CA ARG A 86 -5.05 -22.27 -5.31
C ARG A 86 -4.86 -20.79 -5.66
N HIS A 87 -3.70 -20.22 -5.33
CA HIS A 87 -3.45 -18.81 -5.60
C HIS A 87 -3.66 -18.43 -7.07
N GLY A 88 -3.11 -19.23 -8.01
CA GLY A 88 -3.17 -18.88 -9.40
C GLY A 88 -4.60 -18.88 -9.91
N LYS A 89 -5.39 -19.83 -9.43
CA LYS A 89 -6.78 -19.96 -9.90
C LYS A 89 -7.53 -18.71 -9.44
N LEU A 90 -7.34 -18.37 -8.17
CA LEU A 90 -8.01 -17.24 -7.60
C LEU A 90 -7.55 -15.94 -8.29
N ARG A 91 -6.25 -15.80 -8.49
CA ARG A 91 -5.76 -14.57 -9.05
C ARG A 91 -6.26 -14.35 -10.50
N THR A 92 -6.25 -15.41 -11.30
CA THR A 92 -6.74 -15.31 -12.66
C THR A 92 -8.22 -14.90 -12.71
N LEU A 93 -9.02 -15.39 -11.80
CA LEU A 93 -10.44 -15.03 -11.67
C LEU A 93 -10.61 -13.56 -11.25
N VAL A 94 -9.95 -13.11 -10.17
CA VAL A 94 -10.22 -11.76 -9.66
C VAL A 94 -9.70 -10.72 -10.67
N THR A 95 -8.59 -11.02 -11.39
CA THR A 95 -8.02 -10.09 -12.35
C THR A 95 -8.77 -10.12 -13.70
N LYS A 96 -9.81 -10.95 -13.84
CA LYS A 96 -10.76 -10.74 -14.93
C LYS A 96 -11.71 -9.58 -14.63
N ALA A 97 -11.86 -9.22 -13.35
CA ALA A 97 -12.77 -8.17 -12.89
C ALA A 97 -11.97 -6.89 -12.60
N PHE A 98 -10.97 -7.01 -11.73
CA PHE A 98 -10.01 -5.94 -11.46
C PHE A 98 -8.91 -6.01 -12.52
N THR A 99 -9.12 -5.24 -13.59
CA THR A 99 -8.30 -5.31 -14.79
C THR A 99 -7.60 -4.00 -15.04
N PRO A 100 -6.42 -4.01 -15.69
CA PRO A 100 -5.80 -2.78 -16.16
C PRO A 100 -6.73 -1.89 -17.00
N ARG A 101 -7.64 -2.48 -17.78
CA ARG A 101 -8.59 -1.68 -18.56
C ARG A 101 -9.49 -0.86 -17.63
N THR A 102 -10.01 -1.50 -16.58
CA THR A 102 -10.96 -0.82 -15.70
C THR A 102 -10.28 0.27 -14.88
N VAL A 103 -9.03 0.01 -14.50
CA VAL A 103 -8.25 1.02 -13.82
C VAL A 103 -7.99 2.21 -14.76
N ALA A 104 -7.54 1.95 -15.98
CA ALA A 104 -7.18 3.06 -16.87
C ALA A 104 -8.40 3.94 -17.14
N GLN A 105 -9.57 3.31 -17.26
CA GLN A 105 -10.80 4.01 -17.57
C GLN A 105 -11.25 4.90 -16.39
N LEU A 106 -10.68 4.72 -15.18
CA LEU A 106 -11.04 5.57 -14.01
C LEU A 106 -10.38 6.94 -14.07
N GLU A 107 -9.42 7.19 -14.97
CA GLU A 107 -8.58 8.37 -14.82
C GLU A 107 -9.40 9.67 -14.83
N PRO A 108 -10.38 9.86 -15.75
CA PRO A 108 -11.17 11.10 -15.71
C PRO A 108 -11.88 11.35 -14.36
N ARG A 109 -12.46 10.31 -13.80
CA ARG A 109 -13.16 10.43 -12.50
C ARG A 109 -12.15 10.72 -11.39
N ILE A 110 -11.00 10.07 -11.45
CA ILE A 110 -9.94 10.30 -10.44
C ILE A 110 -9.49 11.76 -10.50
N ARG A 111 -9.35 12.35 -11.70
CA ARG A 111 -8.96 13.74 -11.85
C ARG A 111 -10.03 14.64 -11.21
N ASP A 112 -11.29 14.27 -11.41
CA ASP A 112 -12.39 15.07 -10.85
C ASP A 112 -12.32 15.01 -9.33
N ILE A 113 -12.06 13.83 -8.79
CA ILE A 113 -11.97 13.68 -7.33
C ILE A 113 -10.79 14.53 -6.84
N ALA A 114 -9.68 14.48 -7.54
CA ALA A 114 -8.51 15.25 -7.13
C ALA A 114 -8.87 16.74 -7.09
N HIS A 115 -9.53 17.22 -8.12
CA HIS A 115 -9.88 18.65 -8.19
C HIS A 115 -10.85 19.02 -7.05
N GLU A 116 -11.79 18.15 -6.74
CA GLU A 116 -12.76 18.43 -5.65
C GLU A 116 -12.01 18.50 -4.32
N LEU A 117 -11.09 17.59 -4.11
CA LEU A 117 -10.32 17.61 -2.84
C LEU A 117 -9.53 18.91 -2.76
N VAL A 118 -8.93 19.34 -3.86
CA VAL A 118 -8.16 20.61 -3.81
C VAL A 118 -9.13 21.79 -3.69
N ASP A 119 -10.35 21.67 -4.21
CA ASP A 119 -11.36 22.74 -4.02
C ASP A 119 -11.63 22.97 -2.52
N GLY A 120 -11.62 21.92 -1.71
CA GLY A 120 -11.80 22.07 -0.25
C GLY A 120 -10.67 22.83 0.41
N LEU A 121 -9.57 23.08 -0.29
CA LEU A 121 -8.45 23.79 0.32
C LEU A 121 -8.54 25.32 0.02
N ARG A 122 -9.43 25.75 -0.87
CA ARG A 122 -9.46 27.16 -1.30
C ARG A 122 -9.77 28.05 -0.09
N GLY A 123 -9.08 29.20 -0.04
CA GLY A 123 -9.28 30.25 0.96
C GLY A 123 -8.51 29.95 2.24
N LYS A 124 -7.82 28.79 2.28
CA LYS A 124 -6.97 28.39 3.41
C LYS A 124 -5.50 28.64 3.03
N SER A 125 -4.66 28.95 4.02
CA SER A 125 -3.21 29.02 3.76
C SER A 125 -2.44 27.88 4.46
N THR A 126 -3.11 27.13 5.34
CA THR A 126 -2.61 25.86 5.86
C THR A 126 -3.69 24.78 5.71
N PHE A 127 -3.28 23.54 5.46
CA PHE A 127 -4.23 22.44 5.51
C PHE A 127 -3.51 21.17 6.01
N GLU A 128 -4.32 20.22 6.50
CA GLU A 128 -3.81 18.97 6.94
C GLU A 128 -3.96 17.94 5.81
N ALA A 129 -2.83 17.61 5.18
CA ALA A 129 -2.87 16.89 3.91
C ALA A 129 -3.44 15.49 4.05
N THR A 130 -3.31 14.85 5.21
CA THR A 130 -3.80 13.48 5.33
C THR A 130 -5.33 13.49 5.32
N VAL A 131 -5.97 14.17 6.27
CA VAL A 131 -7.41 14.11 6.35
C VAL A 131 -8.03 14.74 5.10
N GLU A 132 -7.42 15.79 4.58
CA GLU A 132 -8.07 16.59 3.55
C GLU A 132 -7.82 16.04 2.14
N VAL A 133 -6.77 15.23 1.95
CA VAL A 133 -6.36 14.82 0.59
C VAL A 133 -5.98 13.33 0.52
N THR A 134 -4.95 12.92 1.26
CA THR A 134 -4.36 11.64 0.97
C THR A 134 -5.19 10.48 1.49
N VAL A 135 -5.88 10.70 2.62
CA VAL A 135 -6.76 9.64 3.16
C VAL A 135 -8.01 9.50 2.31
N PRO A 136 -8.75 10.58 1.94
CA PRO A 136 -9.99 10.41 1.17
C PRO A 136 -9.78 9.81 -0.22
N MET A 137 -8.75 10.20 -0.97
CA MET A 137 -8.74 9.86 -2.41
CA MET A 137 -8.69 9.86 -2.43
C MET A 137 -8.86 8.35 -2.60
N PRO A 138 -8.02 7.49 -1.98
CA PRO A 138 -8.11 6.04 -2.26
C PRO A 138 -9.46 5.42 -1.89
N MET A 139 -9.98 5.86 -0.77
CA MET A 139 -11.21 5.37 -0.24
C MET A 139 -12.39 5.75 -1.15
N ILE A 140 -12.41 6.97 -1.68
CA ILE A 140 -13.48 7.41 -2.58
C ILE A 140 -13.41 6.58 -3.87
N VAL A 141 -12.21 6.42 -4.42
CA VAL A 141 -12.04 5.71 -5.67
C VAL A 141 -12.47 4.26 -5.53
N ILE A 142 -12.06 3.58 -4.44
CA ILE A 142 -12.41 2.16 -4.29
C ILE A 142 -13.90 1.98 -4.01
N ALA A 143 -14.51 2.87 -3.21
CA ALA A 143 -15.96 2.79 -3.02
C ALA A 143 -16.70 2.96 -4.36
N GLU A 144 -16.24 3.86 -5.22
CA GLU A 144 -16.92 4.02 -6.52
C GLU A 144 -16.71 2.76 -7.36
N MET A 145 -15.50 2.20 -7.34
CA MET A 145 -15.23 0.99 -8.12
C MET A 145 -16.09 -0.18 -7.65
N LEU A 146 -16.31 -0.26 -6.34
CA LEU A 146 -17.15 -1.31 -5.77
C LEU A 146 -18.67 -1.02 -5.84
N GLY A 147 -19.08 0.11 -6.38
CA GLY A 147 -20.48 0.36 -6.55
C GLY A 147 -21.21 0.67 -5.24
N VAL A 148 -20.52 1.28 -4.28
CA VAL A 148 -21.15 1.63 -2.98
C VAL A 148 -22.24 2.69 -3.23
N ALA A 149 -23.41 2.50 -2.64
CA ALA A 149 -24.57 3.40 -2.79
C ALA A 149 -24.22 4.73 -2.11
N PRO A 150 -24.66 5.88 -2.63
CA PRO A 150 -24.24 7.16 -2.04
C PRO A 150 -24.57 7.24 -0.55
N GLU A 151 -25.68 6.63 -0.14
CA GLU A 151 -26.13 6.77 1.25
C GLU A 151 -25.31 5.85 2.17
N ARG A 152 -24.46 4.99 1.57
CA ARG A 152 -23.63 4.05 2.38
C ARG A 152 -22.13 4.44 2.33
N ARG A 153 -21.81 5.56 1.68
CA ARG A 153 -20.44 6.01 1.54
C ARG A 153 -19.82 6.38 2.91
N ALA A 154 -20.63 6.97 3.83
CA ALA A 154 -20.07 7.32 5.15
C ALA A 154 -19.82 6.07 6.01
N ASP A 155 -20.70 5.07 5.92
CA ASP A 155 -20.43 3.77 6.53
C ASP A 155 -19.14 3.19 5.94
N PHE A 156 -18.96 3.33 4.61
CA PHE A 156 -17.78 2.75 3.96
C PHE A 156 -16.50 3.44 4.47
N LYS A 157 -16.58 4.76 4.64
CA LYS A 157 -15.48 5.51 5.24
C LYS A 157 -15.14 4.97 6.63
N ARG A 158 -16.18 4.74 7.46
CA ARG A 158 -15.93 4.28 8.79
C ARG A 158 -15.25 2.90 8.76
N TRP A 159 -15.75 2.01 7.92
CA TRP A 159 -15.18 0.69 7.79
C TRP A 159 -13.70 0.80 7.35
N SER A 160 -13.45 1.66 6.36
CA SER A 160 -12.11 1.91 5.83
C SER A 160 -11.22 2.43 6.96
N ASP A 161 -11.70 3.43 7.71
CA ASP A 161 -10.93 4.02 8.80
C ASP A 161 -10.58 2.95 9.84
N ASP A 162 -11.51 2.07 10.15
CA ASP A 162 -11.33 1.07 11.19
C ASP A 162 -10.38 -0.04 10.73
N MET A 163 -10.21 -0.20 9.42
CA MET A 163 -9.40 -1.30 8.90
C MET A 163 -7.96 -0.85 8.67
N VAL A 164 -7.67 0.46 8.79
CA VAL A 164 -6.34 1.06 8.65
C VAL A 164 -5.43 0.54 9.77
N ALA A 176 -13.23 -4.38 19.13
CA ALA A 176 -14.70 -4.44 19.15
C ALA A 176 -15.29 -3.57 18.03
N GLN A 177 -14.76 -2.36 17.89
CA GLN A 177 -15.08 -1.49 16.78
C GLN A 177 -14.69 -2.19 15.46
N LEU A 178 -13.54 -2.86 15.41
CA LEU A 178 -13.01 -3.49 14.19
C LEU A 178 -13.91 -4.66 13.76
N GLU A 179 -14.31 -5.48 14.73
CA GLU A 179 -15.22 -6.57 14.48
C GLU A 179 -16.55 -6.05 13.88
N ARG A 180 -17.08 -4.97 14.47
CA ARG A 180 -18.38 -4.45 14.00
C ARG A 180 -18.25 -3.98 12.55
N SER A 181 -17.16 -3.26 12.29
CA SER A 181 -16.96 -2.72 10.94
C SER A 181 -16.81 -3.86 9.94
N THR A 182 -16.10 -4.94 10.33
CA THR A 182 -15.88 -6.05 9.43
C THR A 182 -17.22 -6.75 9.18
N GLN A 183 -18.01 -7.00 10.25
CA GLN A 183 -19.34 -7.60 10.11
C GLN A 183 -20.24 -6.71 9.24
N GLU A 184 -20.21 -5.39 9.47
CA GLU A 184 -21.10 -4.51 8.68
C GLU A 184 -20.70 -4.48 7.20
N PHE A 185 -19.38 -4.44 6.95
CA PHE A 185 -18.83 -4.49 5.59
C PHE A 185 -19.39 -5.68 4.83
N TYR A 186 -19.31 -6.84 5.47
CA TYR A 186 -19.72 -8.07 4.77
C TYR A 186 -21.25 -8.18 4.69
N ALA A 187 -21.96 -7.61 5.66
CA ALA A 187 -23.41 -7.65 5.61
C ALA A 187 -23.87 -6.80 4.42
N TYR A 188 -23.28 -5.61 4.30
CA TYR A 188 -23.64 -4.75 3.23
C TYR A 188 -23.23 -5.35 1.90
N PHE A 189 -21.98 -5.80 1.77
CA PHE A 189 -21.60 -6.29 0.44
C PHE A 189 -22.31 -7.61 0.09
N SER A 190 -22.76 -8.37 1.08
CA SER A 190 -23.60 -9.57 0.78
C SER A 190 -24.88 -9.12 0.07
N GLU A 191 -25.49 -8.05 0.60
CA GLU A 191 -26.72 -7.54 0.10
C GLU A 191 -26.48 -7.03 -1.33
N VAL A 192 -25.37 -6.30 -1.50
CA VAL A 192 -24.97 -5.73 -2.79
C VAL A 192 -24.83 -6.86 -3.80
N LEU A 193 -24.12 -7.92 -3.38
CA LEU A 193 -23.81 -9.09 -4.23
C LEU A 193 -25.13 -9.69 -4.73
N GLU A 194 -26.09 -9.89 -3.82
CA GLU A 194 -27.43 -10.47 -4.22
C GLU A 194 -28.16 -9.50 -5.16
N GLU A 195 -28.09 -8.20 -4.89
CA GLU A 195 -28.70 -7.21 -5.80
C GLU A 195 -28.05 -7.28 -7.18
N ARG A 196 -26.72 -7.44 -7.25
CA ARG A 196 -26.05 -7.38 -8.55
C ARG A 196 -26.20 -8.71 -9.30
N ARG A 197 -26.46 -9.81 -8.59
CA ARG A 197 -26.80 -11.06 -9.27
C ARG A 197 -28.09 -10.83 -10.08
N ARG A 198 -29.05 -10.11 -9.49
CA ARG A 198 -30.36 -9.83 -10.11
C ARG A 198 -30.20 -8.83 -11.25
N GLU A 199 -29.54 -7.71 -10.96
CA GLU A 199 -29.36 -6.61 -11.92
C GLU A 199 -27.90 -6.16 -11.86
N PRO A 200 -27.01 -6.76 -12.66
CA PRO A 200 -25.62 -6.30 -12.68
C PRO A 200 -25.45 -4.88 -13.20
N ARG A 201 -24.38 -4.24 -12.74
CA ARG A 201 -23.98 -2.93 -13.20
C ARG A 201 -22.51 -3.05 -13.62
N GLU A 202 -21.85 -1.91 -13.80
CA GLU A 202 -20.48 -1.85 -14.34
C GLU A 202 -19.43 -1.96 -13.21
N ASP A 203 -19.89 -2.16 -11.98
CA ASP A 203 -19.05 -2.10 -10.78
C ASP A 203 -18.29 -3.42 -10.61
N LEU A 204 -17.33 -3.40 -9.69
CA LEU A 204 -16.45 -4.52 -9.46
C LEU A 204 -17.19 -5.72 -8.89
N ILE A 205 -18.21 -5.51 -8.08
CA ILE A 205 -18.95 -6.68 -7.53
C ILE A 205 -19.61 -7.43 -8.69
N SER A 206 -20.24 -6.68 -9.59
CA SER A 206 -20.90 -7.27 -10.78
C SER A 206 -19.88 -8.03 -11.62
N GLN A 207 -18.71 -7.42 -11.83
CA GLN A 207 -17.72 -8.00 -12.68
C GLN A 207 -17.09 -9.24 -12.03
N LEU A 208 -16.90 -9.25 -10.70
CA LEU A 208 -16.40 -10.40 -10.01
C LEU A 208 -17.38 -11.57 -10.11
N LEU A 209 -18.69 -11.28 -10.03
CA LEU A 209 -19.71 -12.30 -10.13
C LEU A 209 -19.73 -12.91 -11.53
N ALA A 210 -19.45 -12.09 -12.56
CA ALA A 210 -19.51 -12.54 -13.95
C ALA A 210 -18.29 -13.40 -14.30
N ALA A 211 -17.16 -13.16 -13.65
CA ALA A 211 -15.91 -13.75 -14.09
C ALA A 211 -16.01 -15.27 -14.13
N GLU A 212 -15.46 -15.85 -15.19
CA GLU A 212 -15.44 -17.28 -15.34
C GLU A 212 -14.18 -17.66 -16.12
N VAL A 213 -13.46 -18.64 -15.58
CA VAL A 213 -12.25 -19.15 -16.22
C VAL A 213 -12.27 -20.68 -16.15
N ASP A 214 -12.18 -21.28 -17.35
CA ASP A 214 -12.20 -22.74 -17.54
C ASP A 214 -13.45 -23.31 -16.87
N GLY A 215 -14.56 -22.60 -17.08
CA GLY A 215 -15.87 -22.89 -16.51
C GLY A 215 -15.89 -22.89 -14.99
N GLU A 216 -14.92 -22.20 -14.35
CA GLU A 216 -14.86 -22.08 -12.91
C GLU A 216 -15.14 -20.61 -12.52
N LYS A 217 -15.77 -20.43 -11.35
CA LYS A 217 -16.17 -19.07 -10.92
C LYS A 217 -15.79 -18.89 -9.46
N LEU A 218 -15.76 -17.62 -9.03
CA LEU A 218 -15.53 -17.33 -7.65
C LEU A 218 -16.78 -17.69 -6.83
N THR A 219 -16.57 -18.23 -5.65
CA THR A 219 -17.65 -18.38 -4.71
C THR A 219 -18.09 -16.99 -4.21
N ALA A 220 -19.27 -16.91 -3.60
CA ALA A 220 -19.71 -15.65 -2.97
C ALA A 220 -18.70 -15.19 -1.89
N GLY A 221 -18.23 -16.09 -1.04
CA GLY A 221 -17.22 -15.78 -0.04
C GLY A 221 -15.96 -15.19 -0.68
N GLU A 222 -15.55 -15.76 -1.82
CA GLU A 222 -14.35 -15.29 -2.49
C GLU A 222 -14.56 -13.89 -3.06
N VAL A 223 -15.73 -13.58 -3.63
CA VAL A 223 -16.05 -12.22 -4.11
C VAL A 223 -15.93 -11.23 -2.94
N LEU A 224 -16.58 -11.56 -1.82
CA LEU A 224 -16.64 -10.67 -0.64
C LEU A 224 -15.23 -10.50 -0.09
N SER A 225 -14.50 -11.63 0.04
CA SER A 225 -13.16 -11.55 0.59
C SER A 225 -12.25 -10.66 -0.29
N PHE A 226 -12.39 -10.71 -1.61
CA PHE A 226 -11.58 -9.91 -2.51
C PHE A 226 -11.96 -8.41 -2.39
N ALA A 227 -13.26 -8.12 -2.27
CA ALA A 227 -13.72 -6.76 -2.01
C ALA A 227 -13.06 -6.20 -0.75
N ASN A 228 -13.04 -7.00 0.33
CA ASN A 228 -12.50 -6.60 1.58
C ASN A 228 -10.99 -6.36 1.39
N THR A 229 -10.35 -7.28 0.67
CA THR A 229 -8.89 -7.17 0.42
C THR A 229 -8.58 -5.83 -0.26
N LEU A 230 -9.42 -5.39 -1.19
CA LEU A 230 -9.13 -4.17 -1.94
C LEU A 230 -9.06 -2.97 -0.98
N LEU A 231 -9.92 -2.95 0.06
CA LEU A 231 -9.85 -1.84 1.01
C LEU A 231 -8.55 -1.92 1.78
N ILE A 232 -8.31 -3.10 2.38
CA ILE A 232 -7.19 -3.23 3.27
C ILE A 232 -5.87 -3.04 2.51
N ALA A 233 -5.77 -3.64 1.32
CA ALA A 233 -4.56 -3.67 0.53
C ALA A 233 -4.29 -2.29 -0.09
N GLY A 234 -5.37 -1.55 -0.37
CA GLY A 234 -5.29 -0.39 -1.28
C GLY A 234 -5.33 0.96 -0.60
N ASN A 235 -6.09 1.06 0.49
CA ASN A 235 -6.36 2.37 1.05
C ASN A 235 -5.11 2.94 1.73
N GLU A 236 -4.65 2.30 2.81
CA GLU A 236 -3.58 2.84 3.61
C GLU A 236 -2.28 2.95 2.80
N THR A 237 -2.01 1.98 1.93
CA THR A 237 -0.79 2.02 1.13
C THR A 237 -0.81 3.19 0.13
N THR A 238 -1.92 3.38 -0.53
CA THR A 238 -1.98 4.49 -1.55
C THR A 238 -1.92 5.84 -0.86
N THR A 239 -2.62 5.94 0.28
CA THR A 239 -2.54 7.14 1.12
C THR A 239 -1.07 7.40 1.46
N SER A 240 -0.38 6.35 1.90
CA SER A 240 1.02 6.43 2.27
CA SER A 240 1.01 6.48 2.28
C SER A 240 1.88 6.97 1.12
N LEU A 241 1.68 6.41 -0.07
CA LEU A 241 2.45 6.84 -1.28
C LEU A 241 2.30 8.34 -1.50
N ILE A 242 1.06 8.84 -1.52
CA ILE A 242 0.85 10.22 -1.75
C ILE A 242 1.44 11.08 -0.62
N GLY A 243 1.22 10.72 0.66
CA GLY A 243 1.78 11.50 1.79
C GLY A 243 3.30 11.49 1.78
N ASN A 244 3.87 10.31 1.52
CA ASN A 244 5.32 10.15 1.45
C ASN A 244 5.91 10.98 0.33
N ALA A 245 5.23 11.09 -0.80
CA ALA A 245 5.67 11.92 -1.90
C ALA A 245 5.72 13.36 -1.43
N LEU A 246 4.69 13.78 -0.69
CA LEU A 246 4.63 15.20 -0.22
C LEU A 246 5.76 15.46 0.77
N VAL A 247 6.09 14.47 1.60
CA VAL A 247 7.18 14.57 2.54
C VAL A 247 8.51 14.68 1.77
N ALA A 248 8.75 13.79 0.81
CA ALA A 248 10.00 13.78 0.02
C ALA A 248 10.11 15.10 -0.75
N LEU A 249 9.03 15.55 -1.38
CA LEU A 249 9.13 16.74 -2.22
C LEU A 249 9.40 17.94 -1.35
N THR A 250 8.77 18.01 -0.15
CA THR A 250 8.97 19.21 0.74
C THR A 250 10.36 19.18 1.36
N ASP A 251 10.97 18.00 1.49
CA ASP A 251 12.33 17.87 1.99
C ASP A 251 13.35 18.24 0.89
N HIS A 252 12.93 18.30 -0.37
CA HIS A 252 13.80 18.48 -1.53
C HIS A 252 13.18 19.57 -2.39
N PRO A 253 13.12 20.82 -1.84
CA PRO A 253 12.51 21.97 -2.51
C PRO A 253 12.77 22.15 -4.01
N GLU A 254 13.99 21.86 -4.47
CA GLU A 254 14.35 22.13 -5.84
C GLU A 254 13.73 21.08 -6.74
N GLN A 255 13.53 19.88 -6.18
CA GLN A 255 12.94 18.81 -6.92
C GLN A 255 11.43 19.08 -7.04
N LEU A 256 10.83 19.55 -5.96
CA LEU A 256 9.41 19.96 -5.96
C LEU A 256 9.21 21.06 -7.00
N ALA A 257 10.07 22.08 -6.89
CA ALA A 257 10.09 23.21 -7.83
C ALA A 257 10.19 22.67 -9.26
N ALA A 258 11.12 21.74 -9.51
CA ALA A 258 11.27 21.20 -10.85
C ALA A 258 9.95 20.54 -11.32
N ALA A 259 9.30 19.76 -10.45
CA ALA A 259 8.09 19.03 -10.85
C ALA A 259 6.91 19.98 -11.02
N GLN A 260 6.89 21.09 -10.28
CA GLN A 260 5.82 22.06 -10.38
C GLN A 260 5.94 22.79 -11.73
N ALA A 261 7.17 22.96 -12.22
CA ALA A 261 7.43 23.60 -13.54
C ALA A 261 7.27 22.60 -14.69
N ASP A 262 7.46 21.31 -14.44
CA ASP A 262 7.27 20.29 -15.46
C ASP A 262 6.51 19.10 -14.86
N LEU A 263 5.19 19.13 -15.02
CA LEU A 263 4.32 18.10 -14.51
C LEU A 263 4.56 16.73 -15.16
N SER A 264 5.22 16.66 -16.33
CA SER A 264 5.54 15.37 -16.96
C SER A 264 6.53 14.56 -16.11
N LEU A 265 7.17 15.19 -15.11
CA LEU A 265 8.07 14.51 -14.16
C LEU A 265 7.31 13.63 -13.15
N VAL A 266 6.00 13.85 -13.00
CA VAL A 266 5.28 13.26 -11.86
C VAL A 266 5.38 11.73 -11.85
N PRO A 267 5.27 10.99 -12.97
CA PRO A 267 5.40 9.53 -12.93
C PRO A 267 6.76 9.12 -12.33
N ALA A 268 7.80 9.91 -12.63
CA ALA A 268 9.13 9.61 -12.12
C ALA A 268 9.21 9.92 -10.63
N VAL A 269 8.54 10.99 -10.20
CA VAL A 269 8.47 11.34 -8.82
C VAL A 269 7.87 10.13 -8.08
N VAL A 270 6.77 9.62 -8.61
CA VAL A 270 6.06 8.54 -7.96
C VAL A 270 6.97 7.32 -7.82
N GLU A 271 7.69 6.95 -8.89
CA GLU A 271 8.59 5.79 -8.82
C GLU A 271 9.69 6.05 -7.80
N GLU A 272 10.24 7.26 -7.73
CA GLU A 272 11.34 7.50 -6.79
C GLU A 272 10.82 7.53 -5.35
N VAL A 273 9.55 7.95 -5.11
CA VAL A 273 9.00 7.85 -3.74
C VAL A 273 8.76 6.38 -3.39
N LEU A 274 8.25 5.60 -4.34
CA LEU A 274 8.06 4.18 -4.13
C LEU A 274 9.35 3.51 -3.67
N ARG A 275 10.48 3.92 -4.26
CA ARG A 275 11.75 3.33 -3.89
C ARG A 275 12.25 3.91 -2.58
N TYR A 276 12.22 5.24 -2.46
CA TYR A 276 12.85 5.97 -1.38
C TYR A 276 12.12 5.80 -0.05
N GLU A 277 10.77 5.88 -0.08
CA GLU A 277 9.98 5.79 1.16
C GLU A 277 8.83 4.80 0.91
N SER A 278 9.22 3.53 0.73
CA SER A 278 8.34 2.49 0.31
C SER A 278 7.15 2.35 1.26
N PRO A 279 5.91 2.53 0.80
CA PRO A 279 4.75 2.43 1.68
C PRO A 279 4.71 1.13 2.48
N ALA A 280 4.79 -0.01 1.76
CA ALA A 280 4.87 -1.28 2.42
C ALA A 280 6.36 -1.55 2.71
N GLN A 281 6.75 -1.39 3.98
CA GLN A 281 8.18 -1.48 4.28
C GLN A 281 8.66 -2.93 4.24
N CYS A 282 7.76 -3.83 4.59
CA CYS A 282 8.00 -5.21 4.54
C CYS A 282 6.70 -5.96 4.32
N ILE A 283 6.87 -7.25 4.00
CA ILE A 283 5.75 -8.11 3.86
C ILE A 283 6.00 -9.37 4.67
N PHE A 284 5.11 -10.36 4.58
CA PHE A 284 5.17 -11.51 5.47
C PHE A 284 5.30 -12.82 4.69
N ARG A 285 6.15 -13.73 5.22
CA ARG A 285 6.28 -15.09 4.69
C ARG A 285 6.46 -16.06 5.87
N GLN A 286 6.30 -17.35 5.62
CA GLN A 286 6.63 -18.39 6.60
C GLN A 286 7.39 -19.50 5.90
N THR A 287 8.50 -19.92 6.51
CA THR A 287 9.24 -21.01 5.89
C THR A 287 8.54 -22.33 6.14
N MET A 288 8.55 -23.16 5.10
CA MET A 288 7.94 -24.45 5.13
C MET A 288 8.98 -25.53 5.47
N THR A 289 10.26 -25.24 5.26
CA THR A 289 11.40 -26.13 5.53
C THR A 289 12.55 -25.29 6.10
N ASP A 290 13.60 -25.96 6.58
CA ASP A 290 14.84 -25.29 6.86
C ASP A 290 15.35 -24.73 5.53
N VAL A 291 15.70 -23.45 5.53
CA VAL A 291 16.18 -22.81 4.30
C VAL A 291 17.46 -22.05 4.64
N GLU A 292 18.16 -21.63 3.58
CA GLU A 292 19.41 -20.95 3.72
C GLU A 292 19.32 -19.67 2.90
N ILE A 293 19.64 -18.55 3.50
CA ILE A 293 19.80 -17.36 2.69
C ILE A 293 21.04 -16.61 3.16
N GLY A 294 21.91 -16.31 2.20
CA GLY A 294 23.22 -15.72 2.45
C GLY A 294 23.98 -16.40 3.58
N ASP A 295 24.00 -17.75 3.55
CA ASP A 295 24.77 -18.60 4.47
C ASP A 295 24.22 -18.51 5.91
N GLU A 296 23.02 -17.94 6.04
CA GLU A 296 22.31 -17.93 7.30
C GLU A 296 21.16 -18.90 7.10
N ARG A 297 21.02 -19.83 8.05
CA ARG A 297 19.99 -20.82 8.00
C ARG A 297 18.78 -20.23 8.75
N ILE A 298 17.59 -20.44 8.17
CA ILE A 298 16.34 -20.01 8.79
C ILE A 298 15.56 -21.30 9.04
N PRO A 299 15.21 -21.59 10.30
CA PRO A 299 14.51 -22.83 10.60
C PRO A 299 13.11 -22.86 9.94
N ALA A 300 12.66 -24.07 9.69
CA ALA A 300 11.28 -24.38 9.32
C ALA A 300 10.33 -23.64 10.26
N ARG A 301 9.22 -23.15 9.70
CA ARG A 301 8.12 -22.53 10.36
C ARG A 301 8.45 -21.17 10.94
N SER A 302 9.54 -20.52 10.51
CA SER A 302 9.82 -19.17 10.94
C SER A 302 8.98 -18.18 10.14
N VAL A 303 8.50 -17.13 10.82
CA VAL A 303 7.97 -15.96 10.08
C VAL A 303 9.14 -15.12 9.59
N VAL A 304 9.07 -14.71 8.32
CA VAL A 304 10.15 -14.05 7.66
C VAL A 304 9.58 -12.77 7.05
N LEU A 305 10.25 -11.65 7.30
CA LEU A 305 9.88 -10.35 6.76
C LEU A 305 10.90 -9.93 5.71
N PRO A 306 10.56 -10.10 4.41
CA PRO A 306 11.35 -9.52 3.35
C PRO A 306 11.18 -7.99 3.42
N LEU A 307 12.30 -7.29 3.66
CA LEU A 307 12.26 -5.86 3.94
C LEU A 307 12.34 -5.14 2.60
N LEU A 308 11.19 -4.96 1.97
CA LEU A 308 11.13 -4.26 0.67
C LEU A 308 11.86 -2.91 0.75
N ALA A 309 11.69 -2.19 1.87
CA ALA A 309 12.22 -0.84 1.96
C ALA A 309 13.75 -0.93 2.02
N SER A 310 14.26 -1.93 2.74
CA SER A 310 15.72 -2.16 2.81
C SER A 310 16.32 -2.47 1.44
N ALA A 311 15.68 -3.38 0.70
CA ALA A 311 16.06 -3.76 -0.66
C ALA A 311 16.10 -2.50 -1.52
N ASN A 312 15.10 -1.62 -1.35
CA ASN A 312 14.96 -0.41 -2.20
C ASN A 312 16.00 0.64 -1.84
N ARG A 313 16.65 0.51 -0.69
CA ARG A 313 17.73 1.40 -0.33
C ARG A 313 19.09 0.69 -0.27
N ASP A 314 19.24 -0.36 -1.05
CA ASP A 314 20.45 -1.15 -1.03
C ASP A 314 21.37 -0.57 -2.09
N GLU A 315 22.54 -0.10 -1.65
CA GLU A 315 23.56 0.50 -2.52
C GLU A 315 24.01 -0.46 -3.63
N SER A 316 23.91 -1.77 -3.39
CA SER A 316 24.19 -2.85 -4.37
C SER A 316 23.41 -2.63 -5.65
N ARG A 317 22.17 -2.18 -5.49
CA ARG A 317 21.19 -2.09 -6.56
C ARG A 317 20.92 -0.65 -6.97
N PHE A 318 20.89 0.26 -6.01
CA PHE A 318 20.53 1.69 -6.22
C PHE A 318 21.63 2.57 -5.68
N PRO A 319 22.51 3.12 -6.52
CA PRO A 319 23.65 3.89 -6.03
C PRO A 319 23.21 5.14 -5.25
N ASP A 320 24.01 5.52 -4.24
CA ASP A 320 23.70 6.56 -3.30
C ASP A 320 22.24 6.40 -2.92
N PRO A 321 21.84 5.26 -2.33
CA PRO A 321 20.42 4.96 -2.16
C PRO A 321 19.65 5.86 -1.20
N ASP A 322 20.34 6.61 -0.33
CA ASP A 322 19.71 7.47 0.63
C ASP A 322 19.50 8.87 0.03
N ARG A 323 19.88 9.03 -1.23
CA ARG A 323 19.63 10.26 -1.94
C ARG A 323 18.26 10.12 -2.59
N PHE A 324 17.34 11.03 -2.27
CA PHE A 324 16.07 11.13 -3.03
C PHE A 324 16.41 11.86 -4.33
N ASP A 325 16.20 11.21 -5.48
CA ASP A 325 16.54 11.80 -6.80
C ASP A 325 15.50 11.40 -7.83
N ILE A 326 14.57 12.31 -8.11
CA ILE A 326 13.47 12.02 -9.05
C ILE A 326 14.00 11.75 -10.46
N HIS A 327 15.29 12.03 -10.71
CA HIS A 327 15.93 11.74 -11.99
C HIS A 327 16.75 10.46 -11.98
N ARG A 328 16.70 9.65 -10.91
CA ARG A 328 17.45 8.41 -10.97
C ARG A 328 16.71 7.38 -11.82
N ASP A 329 17.42 6.30 -12.12
CA ASP A 329 16.81 5.10 -12.65
C ASP A 329 16.23 4.28 -11.49
N THR A 330 14.91 4.12 -11.49
CA THR A 330 14.19 3.44 -10.38
C THR A 330 13.83 2.00 -10.74
N LYS A 331 14.18 1.56 -11.96
CA LYS A 331 13.79 0.24 -12.45
C LYS A 331 14.27 -0.83 -11.46
N GLY A 332 13.39 -1.77 -11.17
CA GLY A 332 13.71 -2.91 -10.34
C GLY A 332 13.42 -2.68 -8.86
N HIS A 333 12.87 -1.52 -8.46
CA HIS A 333 12.42 -1.42 -7.04
C HIS A 333 11.33 -2.46 -6.74
N LEU A 334 11.26 -2.86 -5.46
CA LEU A 334 10.36 -3.94 -5.01
C LEU A 334 9.17 -3.42 -4.16
N ALA A 335 8.80 -2.16 -4.30
CA ALA A 335 7.72 -1.56 -3.50
C ALA A 335 6.40 -2.31 -3.70
N PHE A 336 6.16 -2.90 -4.88
CA PHE A 336 4.93 -3.61 -5.18
C PHE A 336 5.11 -5.13 -5.06
N GLY A 337 6.23 -5.57 -4.47
CA GLY A 337 6.61 -6.94 -4.44
C GLY A 337 7.16 -7.41 -5.79
N LEU A 338 7.04 -8.71 -6.02
CA LEU A 338 7.73 -9.41 -7.07
C LEU A 338 7.11 -10.79 -7.25
N ASP A 339 7.02 -11.20 -8.51
CA ASP A 339 6.59 -12.54 -8.88
C ASP A 339 5.08 -12.74 -8.61
N ILE A 340 4.69 -13.88 -8.04
CA ILE A 340 3.28 -14.30 -8.17
C ILE A 340 2.29 -13.37 -7.44
N HIS A 341 2.70 -12.81 -6.30
CA HIS A 341 1.83 -11.97 -5.50
C HIS A 341 2.01 -10.48 -5.82
N PHE A 342 2.70 -10.15 -6.92
CA PHE A 342 2.92 -8.77 -7.27
C PHE A 342 1.59 -8.00 -7.19
N CYS A 343 1.64 -6.79 -6.63
CA CYS A 343 0.50 -6.00 -6.31
C CYS A 343 -0.46 -5.90 -7.51
N ILE A 344 -1.68 -6.40 -7.35
CA ILE A 344 -2.75 -6.26 -8.33
C ILE A 344 -3.12 -4.77 -8.52
N GLY A 345 -3.00 -3.99 -7.47
CA GLY A 345 -3.34 -2.59 -7.49
C GLY A 345 -2.28 -1.66 -8.03
N ALA A 346 -1.12 -2.17 -8.46
CA ALA A 346 -0.03 -1.33 -8.76
C ALA A 346 -0.45 -0.26 -9.78
N PRO A 347 -1.19 -0.55 -10.86
CA PRO A 347 -1.56 0.53 -11.79
C PRO A 347 -2.50 1.58 -11.19
N LEU A 348 -3.39 1.12 -10.32
CA LEU A 348 -4.31 1.99 -9.64
C LEU A 348 -3.58 2.92 -8.67
N ALA A 349 -2.67 2.39 -7.84
CA ALA A 349 -1.86 3.21 -6.96
C ALA A 349 -1.10 4.26 -7.75
N ARG A 350 -0.45 3.81 -8.83
CA ARG A 350 0.39 4.70 -9.69
C ARG A 350 -0.48 5.80 -10.31
N LEU A 351 -1.71 5.45 -10.71
CA LEU A 351 -2.63 6.40 -11.35
C LEU A 351 -3.16 7.42 -10.34
N GLU A 352 -3.60 6.94 -9.15
CA GLU A 352 -4.13 7.85 -8.13
C GLU A 352 -3.02 8.84 -7.74
N ALA A 353 -1.81 8.31 -7.54
CA ALA A 353 -0.73 9.15 -7.08
C ALA A 353 -0.38 10.17 -8.17
N LYS A 354 -0.24 9.68 -9.40
CA LYS A 354 0.08 10.64 -10.52
C LYS A 354 -0.97 11.74 -10.56
N VAL A 355 -2.24 11.33 -10.59
CA VAL A 355 -3.28 12.34 -10.79
C VAL A 355 -3.31 13.29 -9.59
N MET A 356 -3.26 12.78 -8.35
CA MET A 356 -3.38 13.64 -7.20
C MET A 356 -2.20 14.60 -7.15
N LEU A 357 -0.99 14.10 -7.43
CA LEU A 357 0.17 14.99 -7.38
C LEU A 357 0.12 15.99 -8.55
N GLU A 358 -0.37 15.57 -9.72
CA GLU A 358 -0.50 16.52 -10.87
C GLU A 358 -1.42 17.69 -10.47
N VAL A 359 -2.52 17.38 -9.78
CA VAL A 359 -3.48 18.41 -9.42
C VAL A 359 -2.90 19.26 -8.28
N LEU A 360 -2.35 18.63 -7.24
CA LEU A 360 -1.78 19.42 -6.14
C LEU A 360 -0.69 20.37 -6.65
N LEU A 361 0.21 19.83 -7.46
CA LEU A 361 1.39 20.56 -7.91
C LEU A 361 0.94 21.71 -8.80
N ALA A 362 -0.08 21.48 -9.65
CA ALA A 362 -0.56 22.51 -10.60
C ALA A 362 -1.29 23.63 -9.85
N ARG A 363 -2.14 23.27 -8.88
CA ARG A 363 -3.02 24.24 -8.27
C ARG A 363 -2.44 24.91 -7.02
N LEU A 364 -1.48 24.28 -6.33
CA LEU A 364 -0.93 24.89 -5.13
C LEU A 364 0.34 25.65 -5.52
N GLY A 365 0.53 26.84 -4.93
CA GLY A 365 1.77 27.61 -5.08
C GLY A 365 2.89 26.94 -4.33
N ASP A 366 3.76 27.73 -3.71
CA ASP A 366 4.80 27.22 -2.84
C ASP A 366 4.17 26.34 -1.76
N ILE A 367 4.69 25.10 -1.65
CA ILE A 367 4.24 24.15 -0.65
C ILE A 367 5.36 23.92 0.34
N GLN A 368 5.05 24.01 1.63
CA GLN A 368 6.00 23.80 2.70
C GLN A 368 5.29 23.01 3.78
N ARG A 369 6.08 22.29 4.57
CA ARG A 369 5.55 21.71 5.76
C ARG A 369 5.45 22.81 6.82
N VAL A 370 4.50 22.66 7.71
CA VAL A 370 4.47 23.50 8.91
C VAL A 370 5.67 23.12 9.79
N SER A 371 5.92 21.82 9.92
CA SER A 371 6.94 21.27 10.82
CA SER A 371 6.97 21.34 10.80
CA SER A 371 6.93 21.26 10.82
C SER A 371 8.04 20.59 10.00
N GLN A 372 9.30 20.78 10.39
CA GLN A 372 10.41 20.07 9.74
C GLN A 372 10.33 18.60 10.13
N GLU A 373 9.96 18.33 11.38
CA GLU A 373 9.78 17.03 11.88
C GLU A 373 8.50 16.43 11.29
N VAL A 374 8.61 15.21 10.76
CA VAL A 374 7.43 14.47 10.33
C VAL A 374 7.01 13.51 11.45
N SER A 375 5.72 13.59 11.82
CA SER A 375 5.14 12.66 12.75
C SER A 375 4.75 11.43 11.95
N TRP A 376 5.58 10.39 11.98
CA TRP A 376 5.30 9.11 11.32
C TRP A 376 4.33 8.27 12.15
N SER A 377 3.40 7.59 11.47
CA SER A 377 2.52 6.66 12.10
C SER A 377 3.34 5.58 12.78
N PRO A 378 2.95 5.11 13.98
CA PRO A 378 3.76 4.17 14.73
C PRO A 378 3.60 2.75 14.16
N SER A 379 4.06 2.57 12.92
CA SER A 379 4.06 1.29 12.23
C SER A 379 5.41 1.11 11.53
N PHE A 380 6.03 -0.03 11.81
CA PHE A 380 7.20 -0.51 11.11
C PHE A 380 6.83 -1.01 9.71
N PHE A 381 5.59 -1.46 9.58
CA PHE A 381 5.13 -2.21 8.41
C PHE A 381 4.68 -1.28 7.30
N ILE A 382 3.89 -0.24 7.64
CA ILE A 382 3.44 0.75 6.67
C ILE A 382 4.05 2.08 7.08
N ARG A 383 4.76 2.71 6.14
CA ARG A 383 5.46 4.00 6.36
C ARG A 383 4.55 5.13 5.86
N SER A 384 3.99 5.94 6.78
CA SER A 384 3.06 6.99 6.42
CA SER A 384 3.02 6.97 6.44
C SER A 384 3.07 8.07 7.49
N PRO A 385 2.88 9.33 7.11
CA PRO A 385 2.71 10.39 8.10
C PRO A 385 1.37 10.24 8.86
N SER A 386 1.44 10.34 10.19
CA SER A 386 0.23 10.31 11.03
C SER A 386 -0.65 11.54 10.78
N THR A 387 0.01 12.66 10.48
CA THR A 387 -0.55 13.94 10.10
C THR A 387 0.50 14.64 9.24
N LEU A 388 0.08 15.55 8.34
CA LEU A 388 0.98 16.28 7.51
C LEU A 388 0.43 17.68 7.25
N PRO A 389 0.54 18.58 8.26
CA PRO A 389 0.16 19.97 8.07
C PRO A 389 1.09 20.60 7.03
N LEU A 390 0.50 21.21 6.00
CA LEU A 390 1.20 21.88 4.95
C LEU A 390 0.78 23.37 4.86
N ARG A 391 1.71 24.21 4.39
CA ARG A 391 1.42 25.59 4.10
C ARG A 391 1.44 25.75 2.58
N ALA A 392 0.31 26.19 2.01
CA ALA A 392 0.23 26.51 0.61
C ALA A 392 -1.08 27.26 0.34
N THR A 393 -1.06 27.98 -0.79
CA THR A 393 -2.15 28.76 -1.35
C THR A 393 -2.74 28.03 -2.55
N VAL A 394 -4.07 27.94 -2.62
CA VAL A 394 -4.73 27.29 -3.73
C VAL A 394 -5.01 28.29 -4.85
N ALA A 395 -4.85 27.83 -6.10
CA ALA A 395 -5.43 28.43 -7.31
C ALA A 395 -6.55 27.52 -7.81
N SER A 396 -7.73 28.10 -8.09
CA SER A 396 -8.93 27.36 -8.49
C SER A 396 -8.64 26.47 -9.71
N ALA A 397 -9.49 25.45 -9.88
CA ALA A 397 -9.29 24.36 -10.86
C ALA A 397 -9.24 24.94 -12.28
#